data_6NOS
#
_entry.id   6NOS
#
_cell.length_a   84.014
_cell.length_b   97.401
_cell.length_c   33.182
_cell.angle_alpha   90.00
_cell.angle_beta   90.00
_cell.angle_gamma   90.00
#
_symmetry.space_group_name_H-M   'P 21 21 2'
#
loop_
_entity.id
_entity.type
_entity.pdbx_description
1 polymer 'Programmed cell death 1 ligand 1'
2 non-polymer 1-[5-(3,5-dichlorophenyl)furan-2-yl]-N-methylmethanamine
#
_entity_poly.entity_id   1
_entity_poly.type   'polypeptide(L)'
_entity_poly.pdbx_seq_one_letter_code
;AFTVTVPKDLYVVEYGSNMTIECKFPVEKQLDLAALIVYWEMEDKNIIQFVHGEEDLKTQHSSYRQRARLLKDQLSLGNA
ALQITDVKLQDAGVYRCMISYGGADYKRITVKVNAPYAAALHHHHHH
;
_entity_poly.pdbx_strand_id   A,B
#
# COMPACT_ATOMS: atom_id res chain seq x y z
N ALA A 1 -12.83 -3.74 13.69
CA ALA A 1 -12.17 -4.76 12.89
C ALA A 1 -10.65 -4.73 13.05
N PHE A 2 -10.00 -5.40 12.11
CA PHE A 2 -8.54 -5.51 12.11
C PHE A 2 -7.89 -4.13 12.09
N THR A 3 -6.82 -3.97 12.88
CA THR A 3 -6.17 -2.67 13.06
C THR A 3 -4.68 -2.81 13.32
N VAL A 4 -3.85 -2.36 12.36
CA VAL A 4 -2.41 -2.21 12.56
C VAL A 4 -2.13 -0.86 13.20
N THR A 5 -1.34 -0.84 14.29
CA THR A 5 -1.04 0.40 15.00
C THR A 5 0.46 0.58 15.17
N VAL A 6 0.89 1.84 15.10
CA VAL A 6 2.31 2.18 15.04
C VAL A 6 2.71 2.98 16.28
N PRO A 7 3.60 2.47 17.14
CA PRO A 7 3.97 3.22 18.35
C PRO A 7 4.47 4.62 18.06
N LYS A 8 5.26 4.79 16.99
CA LYS A 8 5.64 6.12 16.52
C LYS A 8 5.40 6.19 15.03
N ASP A 9 4.96 7.36 14.57
CA ASP A 9 4.93 7.61 13.14
C ASP A 9 6.06 8.55 12.70
N LEU A 10 6.92 9.00 13.62
CA LEU A 10 8.11 9.75 13.20
C LEU A 10 9.33 9.29 13.98
N TYR A 11 10.37 8.88 13.26
CA TYR A 11 11.66 8.52 13.85
C TYR A 11 12.73 9.49 13.38
N VAL A 12 13.58 9.93 14.28
CA VAL A 12 14.73 10.73 13.87
C VAL A 12 15.96 9.97 14.32
N VAL A 13 16.74 9.53 13.35
CA VAL A 13 17.90 8.69 13.57
C VAL A 13 19.12 9.44 13.06
N GLU A 14 20.24 9.30 13.76
CA GLU A 14 21.50 9.85 13.27
C GLU A 14 22.12 8.89 12.26
N TYR A 15 22.91 9.45 11.34
CA TYR A 15 23.52 8.70 10.25
C TYR A 15 24.34 7.52 10.75
N GLY A 16 24.36 6.46 9.95
CA GLY A 16 25.24 5.33 10.16
C GLY A 16 24.92 4.47 11.35
N SER A 17 23.84 4.76 12.07
CA SER A 17 23.42 3.93 13.18
C SER A 17 22.39 2.92 12.67
N ASN A 18 21.99 2.02 13.54
CA ASN A 18 20.89 1.10 13.28
C ASN A 18 19.59 1.72 13.76
N MET A 19 18.47 1.16 13.27
CA MET A 19 17.14 1.70 13.61
C MET A 19 16.12 0.59 13.51
N THR A 20 15.28 0.46 14.53
CA THR A 20 14.17 -0.49 14.54
C THR A 20 12.84 0.26 14.59
N ILE A 21 12.04 0.18 13.51
CA ILE A 21 10.74 0.84 13.49
C ILE A 21 9.69 -0.22 13.72
N GLU A 22 8.88 -0.04 14.77
CA GLU A 22 8.00 -1.10 15.20
C GLU A 22 6.63 -0.96 14.57
N CYS A 23 5.90 -2.07 14.61
CA CYS A 23 4.62 -2.21 13.93
C CYS A 23 3.91 -3.37 14.60
N LYS A 24 2.81 -3.08 15.27
CA LYS A 24 2.09 -4.10 15.99
C LYS A 24 0.73 -4.31 15.35
N PHE A 25 0.24 -5.53 15.47
CA PHE A 25 -1.06 -5.96 15.00
C PHE A 25 -1.62 -6.89 16.07
N PRO A 26 -2.89 -7.22 16.03
CA PRO A 26 -3.45 -8.11 17.03
C PRO A 26 -3.09 -9.58 16.90
N VAL A 27 -2.78 -10.19 18.02
CA VAL A 27 -2.46 -11.59 18.07
C VAL A 27 -3.62 -12.12 18.83
N GLU A 28 -4.37 -13.03 18.25
CA GLU A 28 -5.52 -13.55 18.93
C GLU A 28 -5.14 -14.62 19.92
N LYS A 29 -4.73 -15.74 19.39
CA LYS A 29 -4.34 -16.84 20.20
C LYS A 29 -2.96 -17.26 19.81
N GLN A 30 -2.82 -18.34 19.08
CA GLN A 30 -1.55 -18.83 18.65
C GLN A 30 -1.56 -18.38 17.24
N LEU A 31 -0.41 -17.94 16.73
CA LEU A 31 -0.31 -17.39 15.39
C LEU A 31 -0.29 -18.34 14.20
N ASP A 32 -1.11 -18.02 13.21
CA ASP A 32 -1.17 -18.76 11.99
C ASP A 32 -0.20 -18.13 10.97
N LEU A 33 0.96 -18.73 10.82
CA LEU A 33 1.97 -18.25 9.96
C LEU A 33 1.72 -18.38 8.50
N ALA A 34 1.03 -19.40 8.08
CA ALA A 34 0.76 -19.59 6.66
C ALA A 34 -0.18 -18.52 6.14
N ALA A 35 -1.05 -17.97 6.99
CA ALA A 35 -1.96 -16.93 6.53
C ALA A 35 -1.46 -15.52 6.80
N LEU A 36 -0.25 -15.40 7.34
CA LEU A 36 0.26 -14.09 7.72
C LEU A 36 1.09 -13.55 6.57
N ILE A 37 0.93 -12.27 6.29
CA ILE A 37 1.74 -11.59 5.28
C ILE A 37 2.27 -10.28 5.89
N VAL A 38 3.58 -10.05 5.78
CA VAL A 38 4.16 -8.80 6.22
C VAL A 38 4.90 -8.15 5.05
N TYR A 39 4.36 -7.08 4.49
CA TYR A 39 5.08 -6.26 3.51
C TYR A 39 5.66 -5.07 4.25
N TRP A 40 6.95 -4.89 4.17
CA TRP A 40 7.58 -3.63 4.56
C TRP A 40 8.08 -2.97 3.29
N GLU A 41 7.57 -1.78 2.98
CA GLU A 41 7.99 -1.13 1.74
C GLU A 41 8.20 0.34 1.99
N MET A 42 8.95 1.01 1.10
CA MET A 42 9.29 2.43 1.29
C MET A 42 9.28 3.14 -0.06
N GLU A 43 8.27 3.97 -0.28
CA GLU A 43 8.07 4.67 -1.56
C GLU A 43 8.41 3.78 -2.76
N ASP A 44 7.58 2.76 -2.95
CA ASP A 44 7.61 1.86 -4.11
C ASP A 44 8.88 1.01 -4.19
N LYS A 45 9.75 1.03 -3.16
CA LYS A 45 10.89 0.11 -3.01
C LYS A 45 10.48 -0.92 -1.95
N ASN A 46 10.37 -2.20 -2.34
CA ASN A 46 9.99 -3.23 -1.38
C ASN A 46 11.21 -3.57 -0.51
N ILE A 47 11.07 -3.45 0.81
CA ILE A 47 12.18 -3.76 1.71
C ILE A 47 12.15 -5.21 2.19
N ILE A 48 10.99 -5.74 2.54
CA ILE A 48 10.93 -7.09 3.10
C ILE A 48 9.58 -7.72 2.77
N GLN A 49 9.58 -8.96 2.31
CA GLN A 49 8.33 -9.69 2.23
C GLN A 49 8.36 -10.83 3.24
N PHE A 50 7.23 -11.10 3.90
CA PHE A 50 7.11 -12.25 4.79
C PHE A 50 5.85 -13.04 4.44
N VAL A 51 6.07 -14.14 3.72
CA VAL A 51 5.00 -15.03 3.28
C VAL A 51 5.23 -16.47 3.70
N HIS A 52 4.29 -17.08 4.16
CA HIS A 52 4.15 -18.41 4.71
C HIS A 52 5.28 -18.88 5.54
N GLY A 53 5.53 -18.35 6.60
CA GLY A 53 6.61 -18.67 7.47
C GLY A 53 7.98 -18.14 7.26
N GLU A 54 8.24 -17.58 6.10
CA GLU A 54 9.56 -17.10 5.81
C GLU A 54 9.64 -15.78 5.14
N GLU A 55 10.84 -15.23 5.21
CA GLU A 55 11.15 -13.99 4.55
C GLU A 55 11.44 -14.25 3.08
N ASP A 56 10.72 -13.56 2.21
CA ASP A 56 11.04 -13.48 0.79
C ASP A 56 11.84 -12.20 0.51
N LEU A 57 13.03 -12.41 -0.04
CA LEU A 57 13.97 -11.39 -0.53
C LEU A 57 14.14 -11.45 -2.02
N LYS A 58 13.36 -12.28 -2.70
CA LYS A 58 13.40 -12.40 -4.16
C LYS A 58 13.03 -11.10 -4.84
N THR A 59 12.50 -10.13 -4.08
CA THR A 59 12.31 -8.78 -4.57
C THR A 59 12.98 -7.72 -3.69
N GLN A 60 13.74 -8.12 -2.65
CA GLN A 60 14.40 -7.13 -1.81
C GLN A 60 15.15 -6.18 -2.72
N HIS A 61 14.89 -4.90 -2.53
CA HIS A 61 15.55 -3.84 -3.30
C HIS A 61 17.05 -3.82 -2.99
N SER A 62 17.83 -3.37 -3.99
CA SER A 62 19.28 -3.27 -3.82
C SER A 62 19.64 -2.58 -2.50
N SER A 63 19.06 -1.41 -2.26
CA SER A 63 19.42 -0.56 -1.14
C SER A 63 19.33 -1.25 0.20
N TYR A 64 18.71 -2.42 0.26
CA TYR A 64 18.41 -3.07 1.53
C TYR A 64 19.11 -4.40 1.69
N ARG A 65 19.99 -4.78 0.75
CA ARG A 65 20.54 -6.13 0.72
C ARG A 65 21.26 -6.43 2.04
N GLN A 66 20.81 -7.50 2.72
CA GLN A 66 21.37 -8.00 3.99
C GLN A 66 21.52 -6.89 5.06
N ARG A 67 20.79 -5.76 4.89
CA ARG A 67 20.68 -4.73 5.90
C ARG A 67 19.31 -4.68 6.53
N ALA A 68 18.29 -5.20 5.87
CA ALA A 68 16.92 -5.14 6.36
C ALA A 68 16.58 -6.51 6.88
N ARG A 69 16.23 -6.58 8.17
CA ARG A 69 15.90 -7.84 8.80
C ARG A 69 14.63 -7.68 9.61
N LEU A 70 13.69 -8.59 9.38
CA LEU A 70 12.44 -8.63 10.10
C LEU A 70 12.60 -9.64 11.22
N LEU A 71 12.34 -9.20 12.44
CA LEU A 71 12.56 -10.04 13.62
C LEU A 71 11.44 -11.07 13.68
N LYS A 72 11.75 -12.31 13.29
CA LYS A 72 10.75 -13.37 13.18
C LYS A 72 10.22 -13.80 14.56
N ASP A 73 11.02 -13.61 15.62
CA ASP A 73 10.57 -14.03 16.95
C ASP A 73 9.36 -13.21 17.39
N GLN A 74 9.51 -11.88 17.38
CA GLN A 74 8.48 -10.98 17.85
C GLN A 74 7.20 -11.03 17.01
N LEU A 75 7.22 -11.78 15.92
CA LEU A 75 5.95 -12.03 15.23
C LEU A 75 4.95 -12.66 16.17
N SER A 76 5.39 -13.60 17.01
CA SER A 76 4.45 -14.34 17.86
C SER A 76 3.73 -13.45 18.84
N LEU A 77 4.24 -12.26 19.14
CA LEU A 77 3.52 -11.29 19.95
C LEU A 77 2.92 -10.18 19.11
N GLY A 78 2.82 -10.39 17.80
CA GLY A 78 2.24 -9.36 16.97
C GLY A 78 3.12 -8.13 16.93
N ASN A 79 4.41 -8.33 16.66
CA ASN A 79 5.35 -7.20 16.56
C ASN A 79 6.12 -7.34 15.26
N ALA A 80 5.77 -6.50 14.28
CA ALA A 80 6.36 -6.52 12.94
C ALA A 80 7.54 -5.58 12.81
N ALA A 81 8.34 -5.48 13.85
CA ALA A 81 9.42 -4.52 13.88
C ALA A 81 10.41 -4.78 12.75
N LEU A 82 10.83 -3.71 12.07
CA LEU A 82 11.82 -3.79 11.01
C LEU A 82 13.15 -3.17 11.47
N GLN A 83 14.26 -3.93 11.30
CA GLN A 83 15.61 -3.38 11.54
C GLN A 83 16.32 -3.05 10.25
N ILE A 84 16.77 -1.82 10.14
CA ILE A 84 17.66 -1.37 9.09
C ILE A 84 19.01 -1.08 9.73
N THR A 85 20.08 -1.69 9.18
CA THR A 85 21.44 -1.59 9.71
C THR A 85 22.21 -0.46 9.01
N ASP A 86 22.92 0.35 9.82
CA ASP A 86 23.87 1.39 9.39
C ASP A 86 23.26 2.24 8.27
N VAL A 87 22.23 3.00 8.67
CA VAL A 87 21.32 3.67 7.74
C VAL A 87 22.02 4.78 6.97
N LYS A 88 21.62 4.95 5.72
CA LYS A 88 22.15 5.98 4.87
C LYS A 88 21.04 7.02 4.69
N LEU A 89 21.39 8.17 4.12
CA LEU A 89 20.37 9.19 3.85
C LEU A 89 19.34 8.71 2.82
N GLN A 90 19.72 7.82 1.91
CA GLN A 90 18.77 7.22 0.96
C GLN A 90 17.61 6.55 1.69
N ASP A 91 17.76 6.30 2.98
CA ASP A 91 16.71 5.69 3.78
C ASP A 91 15.78 6.72 4.42
N ALA A 92 16.03 8.01 4.27
CA ALA A 92 15.07 8.97 4.76
C ALA A 92 13.87 9.00 3.83
N GLY A 93 12.68 8.98 4.42
CA GLY A 93 11.46 8.97 3.64
C GLY A 93 10.34 8.26 4.40
N VAL A 94 9.27 7.95 3.66
CA VAL A 94 8.05 7.42 4.27
C VAL A 94 7.94 5.92 4.01
N TYR A 95 7.91 5.16 5.08
CA TYR A 95 7.80 3.72 5.11
C TYR A 95 6.35 3.31 5.31
N ARG A 96 5.97 2.19 4.72
CA ARG A 96 4.63 1.62 4.88
C ARG A 96 4.76 0.21 5.43
N CYS A 97 4.09 -0.02 6.56
CA CYS A 97 4.02 -1.31 7.22
C CYS A 97 2.66 -1.92 6.90
N MET A 98 2.67 -2.98 6.11
CA MET A 98 1.43 -3.57 5.64
C MET A 98 1.34 -4.99 6.17
N ILE A 99 0.18 -5.30 6.75
CA ILE A 99 -0.06 -6.58 7.41
C ILE A 99 -1.38 -7.16 6.92
N SER A 100 -1.35 -8.45 6.57
CA SER A 100 -2.54 -9.20 6.19
C SER A 100 -2.62 -10.39 7.14
N TYR A 101 -3.63 -10.35 8.03
CA TYR A 101 -3.84 -11.37 9.01
C TYR A 101 -5.35 -11.50 9.28
N GLY A 102 -6.06 -12.13 8.33
CA GLY A 102 -7.50 -12.34 8.49
C GLY A 102 -8.20 -11.02 8.70
N GLY A 103 -8.11 -10.18 7.68
CA GLY A 103 -8.16 -8.74 7.82
C GLY A 103 -6.88 -8.15 7.29
N ALA A 104 -6.89 -6.83 7.15
CA ALA A 104 -5.70 -6.22 6.56
C ALA A 104 -5.67 -4.73 6.87
N ASP A 105 -4.48 -4.25 7.19
CA ASP A 105 -4.33 -2.81 7.26
C ASP A 105 -2.88 -2.48 7.01
N TYR A 106 -2.59 -1.18 7.02
CA TYR A 106 -1.21 -0.71 6.97
C TYR A 106 -1.16 0.65 7.64
N LYS A 107 0.05 1.05 8.03
CA LYS A 107 0.22 2.43 8.48
C LYS A 107 1.52 2.98 7.92
N ARG A 108 1.60 4.30 7.85
CA ARG A 108 2.80 5.01 7.43
C ARG A 108 3.64 5.44 8.63
N ILE A 109 4.96 5.41 8.43
CA ILE A 109 5.93 5.92 9.40
C ILE A 109 6.92 6.75 8.61
N THR A 110 7.20 7.95 9.08
CA THR A 110 8.12 8.83 8.39
C THR A 110 9.45 8.77 9.12
N VAL A 111 10.54 8.67 8.38
CA VAL A 111 11.88 8.74 8.94
C VAL A 111 12.58 9.96 8.35
N LYS A 112 13.04 10.85 9.23
CA LYS A 112 14.04 11.87 8.94
C LYS A 112 15.37 11.33 9.44
N VAL A 113 16.45 11.68 8.74
CA VAL A 113 17.78 11.19 9.09
C VAL A 113 18.75 12.38 9.15
N ASN A 114 19.36 12.59 10.32
CA ASN A 114 20.35 13.65 10.52
C ASN A 114 21.75 13.16 10.16
N ALA A 115 22.56 14.04 9.58
CA ALA A 115 23.91 13.58 9.24
C ALA A 115 24.92 14.71 9.34
N PRO A 116 26.18 14.39 9.66
CA PRO A 116 27.25 15.39 9.60
C PRO A 116 27.54 15.80 8.16
N TYR A 117 28.44 16.78 8.04
CA TYR A 117 28.66 17.47 6.78
C TYR A 117 29.17 16.55 5.66
N ALA A 118 30.18 15.72 5.96
CA ALA A 118 30.83 14.93 4.90
C ALA A 118 29.89 13.92 4.27
N ALA A 119 29.06 13.30 5.11
CA ALA A 119 28.07 12.33 4.64
C ALA A 119 27.12 12.98 3.63
N ALA A 120 26.56 14.11 3.98
CA ALA A 120 25.68 14.78 3.08
C ALA A 120 26.41 15.22 1.86
N LEU A 121 27.64 15.64 2.02
CA LEU A 121 28.41 16.09 0.93
C LEU A 121 28.44 15.04 -0.13
N HIS A 122 28.33 13.81 0.29
CA HIS A 122 28.35 12.70 -0.63
C HIS A 122 27.01 12.43 -1.27
N HIS A 123 25.97 12.40 -0.49
CA HIS A 123 24.67 12.14 -1.04
C HIS A 123 24.35 13.17 -2.10
N HIS A 124 25.16 14.21 -2.17
CA HIS A 124 24.97 15.30 -3.09
C HIS A 124 25.56 14.98 -4.42
N HIS A 125 26.70 14.33 -4.34
CA HIS A 125 27.47 13.94 -5.45
C HIS A 125 27.67 12.44 -5.47
N ALA B 1 1.77 -17.98 -6.38
CA ALA B 1 0.83 -17.74 -5.30
C ALA B 1 -0.26 -16.80 -5.77
N PHE B 2 -0.99 -16.26 -4.80
CA PHE B 2 -2.06 -15.30 -5.07
C PHE B 2 -1.51 -14.09 -5.81
N THR B 3 -2.20 -13.64 -6.86
CA THR B 3 -1.64 -12.58 -7.68
C THR B 3 -2.72 -11.76 -8.37
N VAL B 4 -2.79 -10.48 -8.00
CA VAL B 4 -3.63 -9.50 -8.70
C VAL B 4 -2.92 -9.03 -9.96
N THR B 5 -3.64 -8.98 -11.06
CA THR B 5 -3.07 -8.59 -12.34
C THR B 5 -3.90 -7.47 -12.96
N VAL B 6 -3.24 -6.58 -13.69
CA VAL B 6 -3.86 -5.38 -14.17
C VAL B 6 -3.87 -5.37 -15.73
N PRO B 7 -5.04 -5.38 -16.36
CA PRO B 7 -5.05 -5.44 -17.84
C PRO B 7 -4.19 -4.37 -18.47
N LYS B 8 -4.27 -3.13 -17.99
CA LYS B 8 -3.26 -2.15 -18.32
C LYS B 8 -2.96 -1.38 -17.04
N ASP B 9 -1.71 -0.93 -16.92
CA ASP B 9 -1.32 -0.09 -15.80
C ASP B 9 -1.25 1.39 -16.16
N LEU B 10 -1.59 1.78 -17.38
CA LEU B 10 -1.65 3.19 -17.73
C LEU B 10 -2.94 3.46 -18.48
N TYR B 11 -3.76 4.35 -17.93
CA TYR B 11 -4.97 4.84 -18.56
C TYR B 11 -4.79 6.33 -18.76
N VAL B 12 -5.16 6.81 -19.93
CA VAL B 12 -5.16 8.24 -20.22
C VAL B 12 -6.59 8.65 -20.54
N VAL B 13 -7.16 9.50 -19.68
CA VAL B 13 -8.57 9.87 -19.69
C VAL B 13 -8.71 11.38 -19.91
N GLU B 14 -9.74 11.74 -20.67
CA GLU B 14 -10.07 13.14 -20.94
C GLU B 14 -10.83 13.75 -19.76
N TYR B 15 -10.71 15.06 -19.62
CA TYR B 15 -11.36 15.75 -18.51
C TYR B 15 -12.85 15.43 -18.54
N GLY B 16 -13.42 15.26 -17.34
CA GLY B 16 -14.86 15.13 -17.19
C GLY B 16 -15.51 13.86 -17.71
N SER B 17 -14.72 12.88 -18.16
CA SER B 17 -15.26 11.63 -18.69
C SER B 17 -15.34 10.57 -17.60
N ASN B 18 -15.91 9.41 -17.94
CA ASN B 18 -15.92 8.32 -16.99
C ASN B 18 -14.68 7.46 -17.17
N MET B 19 -14.37 6.69 -16.14
CA MET B 19 -13.12 5.93 -16.12
C MET B 19 -13.32 4.66 -15.33
N THR B 20 -13.08 3.53 -15.97
CA THR B 20 -13.16 2.26 -15.27
C THR B 20 -11.76 1.66 -15.30
N ILE B 21 -11.12 1.56 -14.14
CA ILE B 21 -9.80 0.95 -14.05
C ILE B 21 -9.95 -0.46 -13.53
N GLU B 22 -9.46 -1.44 -14.29
CA GLU B 22 -9.72 -2.84 -13.99
C GLU B 22 -8.59 -3.43 -13.15
N CYS B 23 -8.91 -4.52 -12.43
CA CYS B 23 -8.01 -5.14 -11.48
C CYS B 23 -8.50 -6.57 -11.30
N LYS B 24 -7.73 -7.54 -11.75
CA LYS B 24 -8.25 -8.90 -11.73
C LYS B 24 -7.46 -9.76 -10.74
N PHE B 25 -8.16 -10.58 -9.99
CA PHE B 25 -7.56 -11.51 -9.06
C PHE B 25 -8.24 -12.82 -9.26
N PRO B 26 -7.70 -13.89 -8.75
CA PRO B 26 -8.31 -15.22 -8.93
C PRO B 26 -9.42 -15.64 -7.98
N VAL B 27 -10.43 -16.19 -8.59
CA VAL B 27 -11.57 -16.68 -7.86
C VAL B 27 -11.56 -18.20 -7.96
N GLU B 28 -11.08 -18.84 -6.90
CA GLU B 28 -10.97 -20.29 -6.82
C GLU B 28 -12.14 -20.99 -7.44
N LYS B 29 -13.24 -20.91 -6.72
CA LYS B 29 -14.47 -21.49 -7.14
C LYS B 29 -15.51 -20.41 -7.26
N GLN B 30 -16.21 -20.14 -6.18
CA GLN B 30 -17.21 -19.14 -6.14
C GLN B 30 -16.67 -18.22 -5.10
N LEU B 31 -16.76 -16.92 -5.33
CA LEU B 31 -16.22 -15.95 -4.40
C LEU B 31 -16.88 -15.89 -3.09
N ASP B 32 -16.01 -16.02 -2.12
CA ASP B 32 -16.34 -16.04 -0.69
C ASP B 32 -16.23 -14.61 -0.18
N LEU B 33 -17.37 -13.94 -0.01
CA LEU B 33 -17.29 -12.51 0.26
C LEU B 33 -16.76 -12.23 1.65
N ALA B 34 -17.03 -13.12 2.59
CA ALA B 34 -16.58 -12.87 3.95
C ALA B 34 -15.07 -12.93 4.07
N ALA B 35 -14.38 -13.63 3.17
CA ALA B 35 -12.93 -13.77 3.22
C ALA B 35 -12.19 -12.76 2.34
N LEU B 36 -12.93 -11.87 1.69
CA LEU B 36 -12.42 -10.94 0.69
C LEU B 36 -12.19 -9.55 1.29
N ILE B 37 -11.07 -8.94 0.92
CA ILE B 37 -10.80 -7.54 1.20
C ILE B 37 -10.33 -6.91 -0.10
N VAL B 38 -10.99 -5.83 -0.52
CA VAL B 38 -10.57 -5.06 -1.67
C VAL B 38 -10.34 -3.65 -1.18
N TYR B 39 -9.38 -2.95 -1.77
CA TYR B 39 -9.02 -1.67 -1.19
C TYR B 39 -8.35 -0.81 -2.25
N TRP B 40 -9.06 0.25 -2.65
CA TRP B 40 -8.63 1.15 -3.71
C TRP B 40 -8.17 2.46 -3.10
N GLU B 41 -6.93 2.84 -3.38
CA GLU B 41 -6.38 4.08 -2.88
C GLU B 41 -5.57 4.74 -3.98
N MET B 42 -5.37 6.05 -3.85
CA MET B 42 -4.61 6.83 -4.83
C MET B 42 -3.83 7.89 -4.08
N GLU B 43 -2.50 7.77 -4.10
CA GLU B 43 -1.62 8.66 -3.35
C GLU B 43 -2.21 9.07 -1.99
N ASP B 44 -2.29 8.10 -1.08
CA ASP B 44 -2.68 8.23 0.34
C ASP B 44 -4.14 8.61 0.53
N LYS B 45 -4.92 8.70 -0.52
CA LYS B 45 -6.33 9.00 -0.40
C LYS B 45 -7.10 7.70 -0.51
N ASN B 46 -7.79 7.34 0.55
CA ASN B 46 -8.57 6.11 0.51
C ASN B 46 -9.80 6.38 -0.34
N ILE B 47 -9.95 5.61 -1.41
CA ILE B 47 -11.10 5.71 -2.31
C ILE B 47 -12.20 4.73 -1.93
N ILE B 48 -11.86 3.48 -1.64
CA ILE B 48 -12.88 2.47 -1.39
C ILE B 48 -12.34 1.41 -0.43
N GLN B 49 -13.11 1.10 0.63
CA GLN B 49 -12.80 -0.12 1.34
C GLN B 49 -13.91 -1.11 1.07
N PHE B 50 -13.55 -2.37 0.83
CA PHE B 50 -14.50 -3.47 0.75
C PHE B 50 -14.00 -4.53 1.72
N VAL B 51 -14.60 -4.59 2.90
CA VAL B 51 -14.11 -5.46 3.96
C VAL B 51 -15.20 -6.45 4.32
N HIS B 52 -14.79 -7.73 4.33
CA HIS B 52 -15.59 -8.89 4.72
C HIS B 52 -17.09 -8.68 4.53
N GLY B 53 -17.48 -8.35 3.29
CA GLY B 53 -18.85 -8.36 2.83
C GLY B 53 -19.43 -7.03 2.40
N GLU B 54 -18.93 -5.91 2.92
CA GLU B 54 -19.62 -4.70 2.50
C GLU B 54 -18.58 -3.59 2.42
N GLU B 55 -19.06 -2.47 1.89
CA GLU B 55 -18.24 -1.28 1.65
C GLU B 55 -18.05 -0.46 2.93
N ASP B 56 -16.81 -0.12 3.26
CA ASP B 56 -16.55 0.93 4.25
C ASP B 56 -16.27 2.22 3.50
N LEU B 57 -17.15 3.22 3.72
CA LEU B 57 -17.02 4.57 3.21
C LEU B 57 -16.87 5.62 4.29
N LYS B 58 -16.97 5.25 5.57
CA LYS B 58 -16.79 6.26 6.58
C LYS B 58 -15.34 6.70 6.65
N THR B 59 -14.48 6.08 5.83
CA THR B 59 -13.05 6.37 5.74
C THR B 59 -12.69 6.95 4.38
N GLN B 60 -13.66 7.03 3.47
CA GLN B 60 -13.48 7.58 2.13
C GLN B 60 -13.04 9.04 2.21
N HIS B 61 -12.09 9.41 1.37
CA HIS B 61 -11.67 10.80 1.27
C HIS B 61 -12.80 11.67 0.72
N SER B 62 -12.81 12.94 1.14
CA SER B 62 -13.79 13.92 0.63
C SER B 62 -13.79 13.99 -0.90
N SER B 63 -12.60 14.19 -1.50
CA SER B 63 -12.47 14.46 -2.92
C SER B 63 -13.08 13.38 -3.82
N TYR B 64 -13.45 12.23 -3.27
CA TYR B 64 -13.99 11.12 -4.04
C TYR B 64 -15.41 10.76 -3.61
N ARG B 65 -15.96 11.48 -2.65
CA ARG B 65 -17.23 11.08 -2.05
C ARG B 65 -18.32 11.07 -3.12
N GLN B 66 -18.97 9.92 -3.24
CA GLN B 66 -20.05 9.64 -4.21
C GLN B 66 -19.66 9.84 -5.67
N ARG B 67 -18.37 9.76 -6.01
CA ARG B 67 -17.98 9.60 -7.39
C ARG B 67 -17.35 8.25 -7.68
N ALA B 68 -16.94 7.50 -6.65
CA ALA B 68 -16.21 6.24 -6.82
C ALA B 68 -17.08 5.04 -6.50
N ARG B 69 -17.48 4.30 -7.53
CA ARG B 69 -18.38 3.16 -7.38
C ARG B 69 -17.60 1.89 -7.68
N LEU B 70 -17.50 1.01 -6.70
CA LEU B 70 -16.87 -0.30 -6.88
C LEU B 70 -17.92 -1.27 -7.41
N LEU B 71 -17.62 -1.90 -8.55
CA LEU B 71 -18.65 -2.64 -9.28
C LEU B 71 -18.93 -3.95 -8.55
N LYS B 72 -19.81 -3.87 -7.54
CA LYS B 72 -20.11 -5.01 -6.69
C LYS B 72 -20.50 -6.22 -7.52
N ASP B 73 -20.95 -6.01 -8.76
CA ASP B 73 -21.30 -7.14 -9.62
C ASP B 73 -20.06 -7.90 -10.11
N GLN B 74 -19.02 -7.22 -10.61
CA GLN B 74 -17.86 -7.92 -11.18
C GLN B 74 -16.88 -8.49 -10.14
N LEU B 75 -17.11 -8.25 -8.85
CA LEU B 75 -16.35 -8.98 -7.84
C LEU B 75 -16.49 -10.50 -7.99
N SER B 76 -17.68 -11.00 -8.35
CA SER B 76 -17.84 -12.44 -8.45
C SER B 76 -17.04 -13.05 -9.61
N LEU B 77 -16.55 -12.24 -10.56
CA LEU B 77 -15.69 -12.70 -11.64
C LEU B 77 -14.22 -12.36 -11.41
N GLY B 78 -13.84 -12.01 -10.19
CA GLY B 78 -12.45 -11.68 -9.90
C GLY B 78 -11.96 -10.48 -10.68
N ASN B 79 -12.77 -9.42 -10.75
CA ASN B 79 -12.40 -8.19 -11.42
C ASN B 79 -12.92 -7.10 -10.49
N ALA B 80 -12.01 -6.43 -9.79
CA ALA B 80 -12.35 -5.40 -8.81
C ALA B 80 -12.37 -4.02 -9.43
N ALA B 81 -12.92 -3.86 -10.62
CA ALA B 81 -12.82 -2.60 -11.35
C ALA B 81 -13.44 -1.46 -10.56
N LEU B 82 -12.76 -0.31 -10.56
CA LEU B 82 -13.24 0.89 -9.89
C LEU B 82 -13.73 1.85 -10.97
N GLN B 83 -14.95 2.36 -10.81
CA GLN B 83 -15.53 3.30 -11.77
C GLN B 83 -15.59 4.68 -11.15
N ILE B 84 -14.93 5.65 -11.78
CA ILE B 84 -14.92 7.04 -11.36
C ILE B 84 -15.67 7.88 -12.38
N THR B 85 -16.62 8.65 -11.91
CA THR B 85 -17.46 9.46 -12.78
C THR B 85 -16.88 10.86 -12.88
N ASP B 86 -16.94 11.44 -14.08
CA ASP B 86 -16.62 12.84 -14.32
C ASP B 86 -15.23 13.21 -13.79
N VAL B 87 -14.22 12.69 -14.49
CA VAL B 87 -12.85 12.74 -14.02
C VAL B 87 -12.35 14.18 -14.02
N LYS B 88 -11.58 14.54 -12.99
CA LYS B 88 -11.01 15.87 -12.87
C LYS B 88 -9.49 15.82 -13.02
N LEU B 89 -8.87 17.00 -13.10
CA LEU B 89 -7.41 17.01 -13.18
C LEU B 89 -6.77 16.44 -11.93
N GLN B 90 -7.41 16.63 -10.77
CA GLN B 90 -6.87 16.14 -9.51
C GLN B 90 -6.75 14.62 -9.49
N ASP B 91 -7.53 13.91 -10.33
CA ASP B 91 -7.59 12.46 -10.29
C ASP B 91 -6.41 11.78 -10.97
N ALA B 92 -5.53 12.53 -11.64
CA ALA B 92 -4.33 11.95 -12.23
C ALA B 92 -3.28 11.65 -11.17
N GLY B 93 -2.61 10.50 -11.29
CA GLY B 93 -1.61 10.08 -10.33
C GLY B 93 -1.46 8.57 -10.31
N VAL B 94 -0.86 8.03 -9.24
CA VAL B 94 -0.65 6.58 -9.13
C VAL B 94 -1.73 6.00 -8.21
N TYR B 95 -2.51 5.08 -8.75
CA TYR B 95 -3.54 4.37 -8.02
C TYR B 95 -2.99 3.03 -7.59
N ARG B 96 -3.44 2.58 -6.44
CA ARG B 96 -3.02 1.30 -5.89
C ARG B 96 -4.26 0.46 -5.62
N CYS B 97 -4.28 -0.74 -6.25
CA CYS B 97 -5.26 -1.79 -6.06
C CYS B 97 -4.72 -2.83 -5.11
N MET B 98 -5.28 -2.92 -3.90
CA MET B 98 -4.80 -3.88 -2.92
C MET B 98 -5.90 -4.87 -2.55
N ILE B 99 -5.57 -6.15 -2.71
CA ILE B 99 -6.56 -7.20 -2.57
C ILE B 99 -5.99 -8.29 -1.66
N SER B 100 -6.81 -8.73 -0.69
CA SER B 100 -6.46 -9.82 0.20
C SER B 100 -7.59 -10.85 0.20
N TYR B 101 -7.36 -12.02 -0.40
CA TYR B 101 -8.33 -13.12 -0.53
C TYR B 101 -7.55 -14.43 -0.48
N GLY B 102 -7.19 -14.82 0.74
CA GLY B 102 -6.37 -15.98 1.00
C GLY B 102 -5.01 -15.83 0.36
N GLY B 103 -4.30 -14.82 0.83
CA GLY B 103 -3.21 -14.20 0.09
C GLY B 103 -3.51 -12.73 -0.15
N ALA B 104 -2.49 -12.03 -0.62
CA ALA B 104 -2.69 -10.60 -0.81
C ALA B 104 -1.61 -10.06 -1.74
N ASP B 105 -2.01 -9.19 -2.67
CA ASP B 105 -1.03 -8.47 -3.48
C ASP B 105 -1.63 -7.11 -3.78
N TYR B 106 -0.87 -6.31 -4.53
CA TYR B 106 -1.35 -5.03 -5.01
C TYR B 106 -0.67 -4.76 -6.33
N LYS B 107 -1.28 -3.87 -7.11
CA LYS B 107 -0.60 -3.35 -8.30
C LYS B 107 -0.85 -1.86 -8.42
N ARG B 108 0.11 -1.21 -9.07
CA ARG B 108 0.02 0.21 -9.33
C ARG B 108 -0.55 0.42 -10.74
N ILE B 109 -1.38 1.44 -10.88
CA ILE B 109 -1.90 1.86 -12.18
C ILE B 109 -1.80 3.38 -12.27
N THR B 110 -1.30 3.89 -13.39
CA THR B 110 -1.10 5.33 -13.54
C THR B 110 -2.21 5.93 -14.38
N VAL B 111 -2.73 7.08 -13.94
CA VAL B 111 -3.69 7.81 -14.75
C VAL B 111 -3.08 9.18 -15.03
N LYS B 112 -2.96 9.51 -16.30
CA LYS B 112 -2.75 10.89 -16.72
C LYS B 112 -4.12 11.41 -17.16
N VAL B 113 -4.36 12.70 -16.94
CA VAL B 113 -5.67 13.26 -17.24
C VAL B 113 -5.47 14.46 -18.13
N ASN B 114 -6.05 14.39 -19.31
CA ASN B 114 -5.99 15.46 -20.30
C ASN B 114 -7.07 16.48 -20.00
N ALA B 115 -6.78 17.74 -20.23
CA ALA B 115 -7.83 18.72 -19.99
C ALA B 115 -7.68 19.84 -21.00
N PRO B 116 -8.79 20.42 -21.45
CA PRO B 116 -8.70 21.63 -22.26
C PRO B 116 -8.15 22.78 -21.43
N TYR B 117 -7.91 23.90 -22.12
CA TYR B 117 -7.25 25.02 -21.47
C TYR B 117 -8.06 25.54 -20.28
N ALA B 118 -9.38 25.67 -20.42
CA ALA B 118 -10.15 26.29 -19.36
C ALA B 118 -10.07 25.49 -18.07
N ALA B 119 -10.16 24.16 -18.18
CA ALA B 119 -10.07 23.32 -16.99
C ALA B 119 -8.71 23.49 -16.31
N ALA B 120 -7.63 23.37 -17.09
CA ALA B 120 -6.30 23.53 -16.51
C ALA B 120 -6.11 24.92 -15.94
N LEU B 121 -6.83 25.92 -16.44
CA LEU B 121 -6.73 27.25 -15.85
C LEU B 121 -7.43 27.32 -14.49
N HIS B 122 -8.60 26.71 -14.35
CA HIS B 122 -9.27 26.76 -13.05
C HIS B 122 -8.55 25.90 -12.01
N HIS B 123 -7.90 24.80 -12.43
CA HIS B 123 -7.10 23.99 -11.52
C HIS B 123 -5.83 24.72 -11.09
N HIS B 124 -5.47 25.81 -11.78
CA HIS B 124 -4.25 26.52 -11.46
C HIS B 124 -4.43 27.40 -10.23
N HIS B 125 -5.68 27.48 -9.72
CA HIS B 125 -6.07 28.26 -8.55
C HIS B 125 -6.95 27.42 -7.59
N HIS B 126 -8.21 27.17 -7.99
CA HIS B 126 -9.19 26.40 -7.19
C HIS B 126 -8.72 25.00 -6.80
#